data_9FVN
#
_entry.id   9FVN
#
_cell.length_a   82.203
_cell.length_b   111.990
_cell.length_c   62.266
_cell.angle_alpha   90.00
_cell.angle_beta   90.00
_cell.angle_gamma   90.00
#
_symmetry.space_group_name_H-M   'C 2 2 21'
#
loop_
_entity.id
_entity.type
_entity.pdbx_description
1 polymer '14-3-3 protein sigma'
2 polymer 'Microtubule-associated protein tau'
3 non-polymer 2-[4-[1-(3-bromanyl-4-methyl-phenyl)benzimidazol-2-yl]phenoxy]ethanol
4 water water
#
loop_
_entity_poly.entity_id
_entity_poly.type
_entity_poly.pdbx_seq_one_letter_code
_entity_poly.pdbx_strand_id
1 'polypeptide(L)'
;GAMGSMERASLIQKAKLAEQAERYEDMAAFMKGAVEKGEELSCEERNLLSVAYKNVVGGQRAAWRVLSSIEQKSNEEGSE
EKGPEVREYREKVETELQGVCDTVLGLLDSHLIKEAGDAESRVFYLKMKGDYYRYLAEVATGDDKKRIIDSARSAYQEAM
DISKKEMPPTNPIRLGLALNFSVFHYEIANSPEEAISLAKTTFDEAMADLHTLSEDSYKDSTLIMQLLRDNLTLWT
;
A
2 'polypeptide(L)' SRTP(SEP)LPTPPTRE P
#
loop_
_chem_comp.id
_chem_comp.type
_chem_comp.name
_chem_comp.formula
A1IGH non-polymer 2-[4-[1-(3-bromanyl-4-methyl-phenyl)benzimidazol-2-yl]phenoxy]ethanol 'C22 H19 Br N2 O2'
#
# COMPACT_ATOMS: atom_id res chain seq x y z
N GLY A 1 13.28 18.44 1.06
CA GLY A 1 14.29 19.47 0.91
C GLY A 1 14.22 20.15 -0.44
N ALA A 2 14.50 19.38 -1.51
CA ALA A 2 14.70 19.91 -2.85
C ALA A 2 13.45 20.57 -3.45
N MET A 3 12.26 20.22 -2.93
CA MET A 3 11.03 20.84 -3.39
C MET A 3 10.53 21.97 -2.50
N GLY A 4 11.35 22.37 -1.52
CA GLY A 4 11.01 23.39 -0.55
C GLY A 4 10.65 24.75 -1.12
N SER A 5 11.22 25.06 -2.30
CA SER A 5 10.96 26.35 -2.91
C SER A 5 9.78 26.40 -3.86
N MET A 6 9.16 25.25 -4.12
CA MET A 6 8.02 25.18 -5.01
C MET A 6 6.71 25.28 -4.24
N GLU A 7 5.79 26.08 -4.77
CA GLU A 7 4.42 26.19 -4.25
C GLU A 7 3.73 24.85 -4.12
N ARG A 8 3.02 24.63 -3.02
CA ARG A 8 2.22 23.43 -2.87
C ARG A 8 1.37 23.15 -4.11
N ALA A 9 0.63 24.15 -4.63
CA ALA A 9 -0.27 23.91 -5.74
C ALA A 9 0.52 23.46 -6.97
N SER A 10 1.72 24.04 -7.16
CA SER A 10 2.57 23.69 -8.29
C SER A 10 3.09 22.25 -8.19
N LEU A 11 3.42 21.84 -6.97
CA LEU A 11 3.83 20.45 -6.74
C LEU A 11 2.70 19.48 -7.10
N ILE A 12 1.46 19.81 -6.71
CA ILE A 12 0.33 18.94 -7.02
C ILE A 12 0.06 18.88 -8.53
N GLN A 13 0.14 20.06 -9.16
CA GLN A 13 -0.01 20.16 -10.61
C GLN A 13 1.03 19.30 -11.32
N LYS A 14 2.29 19.40 -10.89
CA LYS A 14 3.38 18.65 -11.51
C LYS A 14 3.29 17.16 -11.21
N ALA A 15 2.77 16.77 -10.03
CA ALA A 15 2.52 15.36 -9.77
C ALA A 15 1.53 14.79 -10.79
N LYS A 16 0.48 15.57 -11.12
CA LYS A 16 -0.49 15.11 -12.10
C LYS A 16 0.15 14.99 -13.48
N LEU A 17 0.98 15.95 -13.86
CA LEU A 17 1.71 15.88 -15.13
C LEU A 17 2.63 14.67 -15.18
N ALA A 18 3.31 14.41 -14.07
CA ALA A 18 4.23 13.30 -13.98
C ALA A 18 3.47 11.98 -14.12
N GLU A 19 2.28 11.89 -13.52
CA GLU A 19 1.43 10.72 -13.68
C GLU A 19 1.11 10.52 -15.17
N GLN A 20 0.73 11.59 -15.87
CA GLN A 20 0.37 11.44 -17.28
C GLN A 20 1.57 11.00 -18.12
N ALA A 21 2.76 11.45 -17.73
CA ALA A 21 3.99 11.11 -18.40
C ALA A 21 4.60 9.78 -17.94
N GLU A 22 3.93 9.09 -17.03
CA GLU A 22 4.44 7.86 -16.42
C GLU A 22 5.83 8.03 -15.82
N ARG A 23 6.03 9.19 -15.17
CA ARG A 23 7.28 9.53 -14.50
C ARG A 23 7.04 9.43 -13.01
N TYR A 24 6.99 8.19 -12.52
CA TYR A 24 6.53 7.99 -11.15
C TYR A 24 7.52 8.38 -10.06
N GLU A 25 8.82 8.29 -10.35
CA GLU A 25 9.81 8.79 -9.42
C GLU A 25 9.63 10.31 -9.25
N ASP A 26 9.49 11.05 -10.35
CA ASP A 26 9.20 12.47 -10.24
C ASP A 26 7.90 12.71 -9.48
N MET A 27 6.88 11.92 -9.82
CA MET A 27 5.58 12.06 -9.17
C MET A 27 5.71 11.96 -7.65
N ALA A 28 6.46 10.95 -7.20
CA ALA A 28 6.64 10.72 -5.78
C ALA A 28 7.41 11.86 -5.14
N ALA A 29 8.46 12.37 -5.80
CA ALA A 29 9.21 13.49 -5.26
C ALA A 29 8.34 14.75 -5.12
N PHE A 30 7.49 14.99 -6.12
CA PHE A 30 6.56 16.11 -6.06
C PHE A 30 5.59 15.94 -4.88
N MET A 31 5.05 14.72 -4.73
CA MET A 31 4.10 14.50 -3.64
C MET A 31 4.74 14.57 -2.26
N LYS A 32 5.97 14.08 -2.14
CA LYS A 32 6.74 14.22 -0.91
C LYS A 32 6.92 15.70 -0.57
N GLY A 33 7.26 16.50 -1.59
CA GLY A 33 7.35 17.94 -1.38
C GLY A 33 6.04 18.52 -0.89
N ALA A 34 4.91 18.10 -1.49
CA ALA A 34 3.61 18.59 -1.08
C ALA A 34 3.29 18.22 0.36
N VAL A 35 3.53 16.97 0.74
CA VAL A 35 3.29 16.56 2.11
C VAL A 35 4.12 17.40 3.07
N GLU A 36 5.38 17.64 2.70
CA GLU A 36 6.27 18.37 3.59
C GLU A 36 5.88 19.83 3.76
N LYS A 37 4.91 20.34 3.00
CA LYS A 37 4.40 21.67 3.25
C LYS A 37 3.63 21.75 4.57
N GLY A 38 3.20 20.61 5.11
CA GLY A 38 2.68 20.56 6.46
C GLY A 38 1.16 20.62 6.54
N GLU A 39 0.49 20.83 5.41
CA GLU A 39 -0.96 20.85 5.40
C GLU A 39 -1.48 19.42 5.21
N GLU A 40 -2.71 19.19 5.66
CA GLU A 40 -3.39 17.93 5.42
C GLU A 40 -3.62 17.78 3.91
N LEU A 41 -3.78 16.54 3.48
CA LEU A 41 -4.00 16.23 2.07
C LEU A 41 -5.49 15.96 1.88
N SER A 42 -6.01 16.41 0.77
CA SER A 42 -7.34 16.05 0.33
C SER A 42 -7.41 14.61 -0.17
N CYS A 43 -8.62 14.11 -0.44
CA CYS A 43 -8.76 12.78 -0.98
C CYS A 43 -7.96 12.57 -2.26
N GLU A 44 -8.08 13.49 -3.20
CA GLU A 44 -7.40 13.38 -4.47
C GLU A 44 -5.91 13.39 -4.24
N GLU A 45 -5.43 14.27 -3.36
CA GLU A 45 -4.00 14.33 -3.09
C GLU A 45 -3.46 13.07 -2.42
N ARG A 46 -4.23 12.51 -1.49
CA ARG A 46 -3.86 11.25 -0.87
C ARG A 46 -3.69 10.19 -1.95
N ASN A 47 -4.60 10.15 -2.91
CA ASN A 47 -4.50 9.15 -3.96
C ASN A 47 -3.29 9.42 -4.85
N LEU A 48 -2.94 10.67 -5.11
CA LEU A 48 -1.74 10.93 -5.90
C LEU A 48 -0.49 10.43 -5.18
N LEU A 49 -0.43 10.67 -3.88
CA LEU A 49 0.71 10.18 -3.09
C LEU A 49 0.83 8.66 -3.18
N SER A 50 -0.31 7.98 -3.02
CA SER A 50 -0.37 6.53 -3.07
C SER A 50 0.04 5.98 -4.42
N VAL A 51 -0.51 6.53 -5.50
CA VAL A 51 -0.16 6.05 -6.83
C VAL A 51 1.33 6.20 -7.10
N ALA A 52 1.90 7.33 -6.71
CA ALA A 52 3.28 7.61 -7.03
C ALA A 52 4.17 6.58 -6.37
N TYR A 53 4.04 6.44 -5.05
CA TYR A 53 4.93 5.54 -4.32
C TYR A 53 4.65 4.07 -4.64
N LYS A 54 3.39 3.71 -4.93
CA LYS A 54 3.10 2.32 -5.20
C LYS A 54 3.76 1.95 -6.52
N ASN A 55 3.78 2.83 -7.52
CA ASN A 55 4.46 2.57 -8.76
C ASN A 55 5.97 2.46 -8.57
N VAL A 56 6.57 3.37 -7.79
CA VAL A 56 8.00 3.30 -7.55
C VAL A 56 8.38 1.99 -6.85
N VAL A 57 7.72 1.70 -5.72
N VAL A 57 7.74 1.69 -5.71
CA VAL A 57 8.11 0.53 -4.95
CA VAL A 57 8.12 0.50 -4.95
C VAL A 57 7.71 -0.73 -5.71
C VAL A 57 7.73 -0.74 -5.75
N GLY A 58 6.64 -0.68 -6.52
CA GLY A 58 6.22 -1.83 -7.30
C GLY A 58 7.29 -2.27 -8.30
N GLY A 59 7.95 -1.32 -8.96
CA GLY A 59 9.07 -1.60 -9.83
C GLY A 59 10.25 -2.19 -9.08
N GLN A 60 10.56 -1.61 -7.93
CA GLN A 60 11.65 -2.10 -7.09
C GLN A 60 11.40 -3.54 -6.64
N ARG A 61 10.17 -3.81 -6.17
CA ARG A 61 9.82 -5.13 -5.71
C ARG A 61 9.94 -6.14 -6.85
N ALA A 62 9.45 -5.78 -8.04
CA ALA A 62 9.52 -6.69 -9.17
C ALA A 62 10.98 -6.99 -9.46
N ALA A 63 11.84 -5.98 -9.47
CA ALA A 63 13.27 -6.18 -9.71
C ALA A 63 13.90 -7.07 -8.65
N TRP A 64 13.55 -6.80 -7.39
CA TRP A 64 14.04 -7.58 -6.27
C TRP A 64 13.67 -9.06 -6.43
N ARG A 65 12.44 -9.34 -6.85
CA ARG A 65 12.01 -10.73 -6.99
C ARG A 65 12.77 -11.44 -8.11
N VAL A 66 13.05 -10.72 -9.20
CA VAL A 66 13.82 -11.29 -10.30
C VAL A 66 15.19 -11.66 -9.78
N LEU A 67 15.84 -10.72 -9.10
CA LEU A 67 17.20 -10.93 -8.62
C LEU A 67 17.29 -11.98 -7.51
N SER A 68 16.32 -11.97 -6.58
CA SER A 68 16.24 -13.00 -5.54
C SER A 68 16.09 -14.40 -6.13
N SER A 69 15.31 -14.53 -7.20
CA SER A 69 15.16 -15.82 -7.85
C SER A 69 16.47 -16.29 -8.46
N ILE A 70 17.19 -15.40 -9.12
CA ILE A 70 18.48 -15.73 -9.73
C ILE A 70 19.45 -16.16 -8.63
N GLU A 71 19.43 -15.43 -7.52
CA GLU A 71 20.32 -15.67 -6.40
C GLU A 71 20.02 -17.06 -5.80
N GLN A 72 18.73 -17.39 -5.69
CA GLN A 72 18.34 -18.65 -5.08
C GLN A 72 18.79 -19.80 -5.97
N LYS A 73 18.62 -19.65 -7.28
CA LYS A 73 19.08 -20.66 -8.23
C LYS A 73 20.59 -20.83 -8.16
N SER A 74 21.33 -19.73 -7.95
CA SER A 74 22.78 -19.80 -7.83
C SER A 74 23.28 -20.62 -6.64
N ASN A 75 22.44 -20.84 -5.64
CA ASN A 75 22.85 -21.53 -4.43
C ASN A 75 22.38 -22.99 -4.33
N LYS A 82 30.06 -19.43 -8.83
CA LYS A 82 29.88 -18.02 -9.18
C LYS A 82 30.33 -17.07 -8.05
N GLY A 83 30.45 -15.77 -8.39
CA GLY A 83 30.94 -14.73 -7.49
C GLY A 83 29.89 -13.90 -6.75
N PRO A 84 30.25 -12.73 -6.19
CA PRO A 84 29.34 -12.00 -5.30
C PRO A 84 28.34 -11.09 -6.00
N GLU A 85 28.40 -11.01 -7.31
CA GLU A 85 27.68 -9.97 -8.01
C GLU A 85 26.17 -10.05 -7.91
N VAL A 86 25.57 -11.24 -7.97
CA VAL A 86 24.12 -11.35 -7.88
C VAL A 86 23.66 -10.86 -6.50
N ARG A 87 24.28 -11.37 -5.45
CA ARG A 87 23.97 -10.93 -4.10
C ARG A 87 24.17 -9.42 -3.95
N GLU A 88 25.29 -8.86 -4.45
CA GLU A 88 25.54 -7.45 -4.29
C GLU A 88 24.44 -6.63 -4.95
N TYR A 89 24.06 -7.01 -6.15
CA TYR A 89 23.09 -6.22 -6.87
C TYR A 89 21.68 -6.40 -6.28
N ARG A 90 21.35 -7.61 -5.81
CA ARG A 90 20.12 -7.81 -5.07
C ARG A 90 20.10 -6.92 -3.83
N GLU A 91 21.23 -6.86 -3.12
CA GLU A 91 21.36 -6.02 -1.95
C GLU A 91 21.19 -4.54 -2.29
N LYS A 92 21.74 -4.12 -3.45
CA LYS A 92 21.60 -2.74 -3.86
C LYS A 92 20.14 -2.36 -4.10
N VAL A 93 19.44 -3.17 -4.86
CA VAL A 93 18.01 -2.94 -5.09
C VAL A 93 17.24 -2.98 -3.78
N GLU A 94 17.55 -3.95 -2.91
CA GLU A 94 16.91 -4.06 -1.61
C GLU A 94 17.05 -2.80 -0.76
N THR A 95 18.29 -2.27 -0.70
CA THR A 95 18.53 -1.08 0.10
C THR A 95 17.77 0.11 -0.47
N GLU A 96 17.68 0.20 -1.80
CA GLU A 96 16.93 1.30 -2.41
C GLU A 96 15.46 1.16 -2.07
N LEU A 97 14.93 -0.06 -2.18
CA LEU A 97 13.52 -0.30 -1.80
C LEU A 97 13.26 0.04 -0.34
N GLN A 98 14.13 -0.39 0.55
CA GLN A 98 14.01 -0.07 1.96
C GLN A 98 13.99 1.43 2.16
N GLY A 99 14.86 2.14 1.43
CA GLY A 99 14.88 3.57 1.56
C GLY A 99 13.56 4.26 1.15
N VAL A 100 12.93 3.78 0.08
CA VAL A 100 11.66 4.33 -0.35
C VAL A 100 10.59 4.00 0.72
N CYS A 101 10.57 2.77 1.25
CA CYS A 101 9.60 2.42 2.26
C CYS A 101 9.77 3.30 3.50
N ASP A 102 11.05 3.53 3.90
CA ASP A 102 11.33 4.36 5.06
C ASP A 102 10.89 5.80 4.83
N THR A 103 11.02 6.28 3.58
CA THR A 103 10.60 7.63 3.24
C THR A 103 9.08 7.73 3.41
N VAL A 104 8.34 6.77 2.86
CA VAL A 104 6.88 6.84 2.93
C VAL A 104 6.47 6.75 4.40
N LEU A 105 7.03 5.78 5.12
CA LEU A 105 6.69 5.61 6.51
C LEU A 105 6.99 6.88 7.31
N GLY A 106 8.08 7.55 6.92
CA GLY A 106 8.43 8.78 7.60
C GLY A 106 7.41 9.88 7.33
N LEU A 107 6.88 9.98 6.10
CA LEU A 107 5.84 10.95 5.83
C LEU A 107 4.60 10.65 6.68
N LEU A 108 4.24 9.37 6.78
CA LEU A 108 3.07 8.99 7.53
C LEU A 108 3.24 9.34 9.00
N ASP A 109 4.45 9.16 9.52
CA ASP A 109 4.74 9.42 10.91
C ASP A 109 5.01 10.89 11.21
N SER A 110 5.32 11.67 10.19
CA SER A 110 5.75 13.06 10.36
C SER A 110 5.12 13.90 9.27
N HIS A 111 3.81 14.20 9.34
CA HIS A 111 2.92 14.00 10.46
C HIS A 111 1.52 13.65 9.96
N LEU A 112 1.43 12.89 8.86
CA LEU A 112 0.12 12.66 8.26
C LEU A 112 -0.88 11.92 9.16
N ILE A 113 -0.45 10.86 9.83
CA ILE A 113 -1.36 10.04 10.60
C ILE A 113 -1.86 10.84 11.80
N LYS A 114 -0.96 11.52 12.50
CA LYS A 114 -1.36 12.21 13.72
C LYS A 114 -2.36 13.31 13.45
N GLU A 115 -2.36 13.93 12.26
CA GLU A 115 -3.28 15.00 11.97
C GLU A 115 -4.56 14.48 11.33
N ALA A 116 -4.65 13.17 11.05
CA ALA A 116 -5.76 12.60 10.32
C ALA A 116 -6.83 12.17 11.30
N GLY A 117 -7.89 12.96 11.35
CA GLY A 117 -9.00 12.74 12.28
C GLY A 117 -10.26 12.11 11.68
N ASP A 118 -10.47 12.32 10.40
CA ASP A 118 -11.62 11.73 9.76
C ASP A 118 -11.32 10.27 9.41
N ALA A 119 -12.33 9.43 9.45
CA ALA A 119 -12.09 8.01 9.22
C ALA A 119 -11.45 7.76 7.88
N GLU A 120 -11.90 8.44 6.84
CA GLU A 120 -11.44 8.20 5.49
C GLU A 120 -9.94 8.46 5.36
N SER A 121 -9.47 9.58 5.91
CA SER A 121 -8.04 9.85 5.83
C SER A 121 -7.26 8.94 6.76
N ARG A 122 -7.73 8.71 8.00
CA ARG A 122 -6.95 7.91 8.93
C ARG A 122 -6.80 6.47 8.47
N VAL A 123 -7.90 5.88 8.01
CA VAL A 123 -7.87 4.55 7.42
C VAL A 123 -6.93 4.49 6.22
N PHE A 124 -7.02 5.48 5.31
CA PHE A 124 -6.16 5.48 4.14
C PHE A 124 -4.68 5.44 4.54
N TYR A 125 -4.29 6.29 5.49
CA TYR A 125 -2.89 6.37 5.89
C TYR A 125 -2.45 5.12 6.64
N LEU A 126 -3.32 4.57 7.50
CA LEU A 126 -2.93 3.37 8.22
C LEU A 126 -2.81 2.17 7.28
N LYS A 127 -3.67 2.12 6.27
CA LYS A 127 -3.51 1.10 5.23
C LYS A 127 -2.14 1.23 4.54
N MET A 128 -1.76 2.44 4.16
CA MET A 128 -0.45 2.68 3.57
C MET A 128 0.65 2.23 4.54
N LYS A 129 0.51 2.53 5.83
CA LYS A 129 1.53 2.14 6.79
C LYS A 129 1.67 0.61 6.82
N GLY A 130 0.54 -0.08 6.82
CA GLY A 130 0.58 -1.53 6.74
C GLY A 130 1.26 -2.03 5.48
N ASP A 131 0.91 -1.45 4.34
CA ASP A 131 1.48 -1.85 3.06
C ASP A 131 3.00 -1.69 3.04
N TYR A 132 3.50 -0.56 3.53
CA TYR A 132 4.95 -0.31 3.39
C TYR A 132 5.72 -1.13 4.41
N TYR A 133 5.18 -1.39 5.62
CA TYR A 133 5.81 -2.36 6.49
C TYR A 133 5.75 -3.76 5.85
N ARG A 134 4.65 -4.07 5.14
CA ARG A 134 4.57 -5.34 4.44
C ARG A 134 5.69 -5.47 3.41
N TYR A 135 5.94 -4.40 2.63
CA TYR A 135 7.04 -4.47 1.68
C TYR A 135 8.40 -4.62 2.37
N LEU A 136 8.59 -3.95 3.50
CA LEU A 136 9.80 -4.17 4.31
C LEU A 136 9.87 -5.63 4.76
N ALA A 137 8.73 -6.22 5.14
CA ALA A 137 8.72 -7.61 5.62
C ALA A 137 9.11 -8.57 4.51
N GLU A 138 8.73 -8.28 3.27
CA GLU A 138 9.00 -9.18 2.16
C GLU A 138 10.50 -9.42 2.00
N VAL A 139 11.33 -8.43 2.34
CA VAL A 139 12.78 -8.55 2.18
C VAL A 139 13.55 -8.73 3.48
N ALA A 140 12.85 -8.81 4.60
CA ALA A 140 13.47 -8.86 5.90
C ALA A 140 13.94 -10.27 6.25
N THR A 141 15.13 -10.32 6.87
CA THR A 141 15.77 -11.52 7.39
C THR A 141 16.53 -11.39 8.73
N GLY A 142 16.57 -10.21 9.35
CA GLY A 142 17.33 -9.99 10.58
C GLY A 142 16.57 -10.06 11.91
N ASP A 143 17.20 -9.54 12.96
CA ASP A 143 16.63 -9.57 14.31
C ASP A 143 15.29 -8.84 14.44
N ASP A 144 15.02 -7.87 13.55
CA ASP A 144 13.83 -7.06 13.67
C ASP A 144 12.71 -7.51 12.72
N LYS A 145 12.88 -8.63 12.03
CA LYS A 145 11.86 -9.09 11.11
C LYS A 145 10.49 -9.38 11.73
N LYS A 146 10.49 -9.98 12.91
CA LYS A 146 9.20 -10.19 13.55
C LYS A 146 8.58 -8.87 13.91
N ARG A 147 9.39 -7.87 14.29
CA ARG A 147 8.84 -6.58 14.71
C ARG A 147 8.29 -5.91 13.45
N ILE A 148 8.95 -6.08 12.29
CA ILE A 148 8.46 -5.46 11.05
C ILE A 148 7.08 -6.02 10.73
N ILE A 149 6.96 -7.35 10.78
CA ILE A 149 5.69 -8.00 10.54
C ILE A 149 4.63 -7.52 11.50
N ASP A 150 4.98 -7.38 12.79
CA ASP A 150 4.00 -6.91 13.74
C ASP A 150 3.58 -5.45 13.51
N SER A 151 4.53 -4.63 13.02
CA SER A 151 4.21 -3.25 12.70
C SER A 151 3.19 -3.19 11.56
N ALA A 152 3.38 -4.04 10.56
CA ALA A 152 2.39 -4.09 9.47
C ALA A 152 1.02 -4.50 10.05
N ARG A 153 1.02 -5.60 10.79
N ARG A 153 1.03 -5.57 10.82
CA ARG A 153 -0.20 -6.11 11.38
CA ARG A 153 -0.19 -6.13 11.39
C ARG A 153 -0.95 -5.09 12.22
C ARG A 153 -0.94 -5.11 12.24
N SER A 154 -0.19 -4.40 13.09
CA SER A 154 -0.76 -3.39 13.97
C SER A 154 -1.40 -2.25 13.20
N ALA A 155 -0.73 -1.77 12.13
CA ALA A 155 -1.30 -0.72 11.32
C ALA A 155 -2.59 -1.17 10.63
N TYR A 156 -2.52 -2.33 9.98
CA TYR A 156 -3.71 -2.86 9.31
C TYR A 156 -4.85 -3.08 10.30
N GLN A 157 -4.54 -3.54 11.51
CA GLN A 157 -5.59 -3.86 12.48
C GLN A 157 -6.25 -2.59 12.95
N GLU A 158 -5.48 -1.52 13.23
CA GLU A 158 -6.09 -0.24 13.61
C GLU A 158 -6.98 0.30 12.49
N ALA A 159 -6.49 0.21 11.25
CA ALA A 159 -7.27 0.61 10.11
C ALA A 159 -8.59 -0.16 10.02
N MET A 160 -8.50 -1.47 10.23
CA MET A 160 -9.67 -2.34 10.14
C MET A 160 -10.68 -1.92 11.22
N ASP A 161 -10.20 -1.70 12.44
CA ASP A 161 -11.10 -1.38 13.54
C ASP A 161 -11.85 -0.07 13.24
N ILE A 162 -11.16 0.95 12.73
CA ILE A 162 -11.85 2.19 12.39
C ILE A 162 -12.81 1.98 11.25
N SER A 163 -12.38 1.26 10.22
CA SER A 163 -13.19 1.08 9.03
C SER A 163 -14.49 0.35 9.35
N LYS A 164 -14.42 -0.66 10.22
CA LYS A 164 -15.61 -1.38 10.57
C LYS A 164 -16.59 -0.54 11.37
N LYS A 165 -16.09 0.41 12.14
CA LYS A 165 -16.93 1.28 12.95
C LYS A 165 -17.50 2.46 12.15
N GLU A 166 -16.72 2.99 11.20
CA GLU A 166 -17.03 4.29 10.62
C GLU A 166 -17.39 4.30 9.15
N MET A 167 -17.20 3.19 8.44
CA MET A 167 -17.38 3.16 7.00
C MET A 167 -18.33 2.05 6.63
N PRO A 168 -19.15 2.21 5.58
CA PRO A 168 -19.99 1.12 5.07
C PRO A 168 -19.14 0.00 4.50
N PRO A 169 -19.68 -1.23 4.44
CA PRO A 169 -18.92 -2.38 4.00
C PRO A 169 -18.51 -2.32 2.54
N THR A 170 -19.14 -1.42 1.78
CA THR A 170 -18.80 -1.22 0.39
C THR A 170 -17.79 -0.11 0.11
N ASN A 171 -17.38 0.61 1.15
CA ASN A 171 -16.48 1.73 0.94
C ASN A 171 -15.20 1.23 0.26
N PRO A 172 -14.74 1.84 -0.86
CA PRO A 172 -13.59 1.28 -1.54
C PRO A 172 -12.31 1.21 -0.72
N ILE A 173 -12.08 2.18 0.16
CA ILE A 173 -10.92 2.11 1.03
C ILE A 173 -11.07 0.93 1.98
N ARG A 174 -12.23 0.75 2.62
CA ARG A 174 -12.45 -0.40 3.48
C ARG A 174 -12.18 -1.69 2.71
N LEU A 175 -12.69 -1.78 1.48
CA LEU A 175 -12.45 -2.96 0.66
C LEU A 175 -10.99 -3.22 0.28
N GLY A 176 -10.31 -2.17 -0.14
CA GLY A 176 -8.90 -2.30 -0.50
C GLY A 176 -8.04 -2.64 0.70
N LEU A 177 -8.37 -2.06 1.85
CA LEU A 177 -7.70 -2.40 3.10
C LEU A 177 -7.85 -3.89 3.38
N ALA A 178 -9.09 -4.40 3.28
CA ALA A 178 -9.31 -5.80 3.55
C ALA A 178 -8.58 -6.69 2.56
N LEU A 179 -8.58 -6.32 1.27
CA LEU A 179 -7.83 -7.05 0.26
C LEU A 179 -6.35 -7.14 0.66
N ASN A 180 -5.75 -6.00 1.00
CA ASN A 180 -4.34 -6.01 1.28
C ASN A 180 -3.99 -6.67 2.61
N PHE A 181 -4.86 -6.54 3.64
CA PHE A 181 -4.63 -7.22 4.90
C PHE A 181 -4.76 -8.73 4.70
N SER A 182 -5.67 -9.14 3.81
CA SER A 182 -5.81 -10.57 3.52
C SER A 182 -4.56 -11.09 2.83
N VAL A 183 -4.00 -10.30 1.90
CA VAL A 183 -2.71 -10.64 1.30
C VAL A 183 -1.58 -10.71 2.33
N PHE A 184 -1.53 -9.78 3.28
CA PHE A 184 -0.61 -9.85 4.41
C PHE A 184 -0.72 -11.20 5.11
N HIS A 185 -1.95 -11.60 5.43
CA HIS A 185 -2.11 -12.85 6.13
C HIS A 185 -1.60 -14.03 5.32
N TYR A 186 -1.92 -14.05 4.03
CA TYR A 186 -1.59 -15.18 3.16
C TYR A 186 -0.08 -15.24 2.88
N GLU A 187 0.50 -14.09 2.55
CA GLU A 187 1.87 -14.06 2.03
C GLU A 187 2.96 -13.80 3.07
N ILE A 188 2.64 -13.09 4.14
CA ILE A 188 3.61 -12.67 5.14
C ILE A 188 3.44 -13.42 6.46
N ALA A 189 2.19 -13.53 6.96
CA ALA A 189 1.98 -14.09 8.30
C ALA A 189 1.76 -15.59 8.29
N ASN A 190 1.85 -16.26 7.14
CA ASN A 190 1.67 -17.69 7.10
C ASN A 190 0.31 -18.10 7.69
N SER A 191 -0.72 -17.32 7.38
CA SER A 191 -2.07 -17.52 7.91
C SER A 191 -3.09 -17.59 6.78
N PRO A 192 -3.03 -18.58 5.88
CA PRO A 192 -3.94 -18.63 4.75
C PRO A 192 -5.41 -18.73 5.17
N GLU A 193 -5.72 -19.43 6.25
CA GLU A 193 -7.11 -19.49 6.66
C GLU A 193 -7.66 -18.13 7.06
N GLU A 194 -6.87 -17.31 7.77
CA GLU A 194 -7.29 -15.98 8.16
C GLU A 194 -7.49 -15.15 6.91
N ALA A 195 -6.58 -15.29 5.96
CA ALA A 195 -6.66 -14.58 4.67
C ALA A 195 -7.98 -14.88 3.95
N ILE A 196 -8.29 -16.18 3.82
CA ILE A 196 -9.52 -16.61 3.19
C ILE A 196 -10.77 -16.14 3.94
N SER A 197 -10.77 -16.26 5.27
N SER A 197 -10.77 -16.24 5.27
CA SER A 197 -11.89 -15.79 6.07
CA SER A 197 -11.91 -15.79 6.03
C SER A 197 -12.14 -14.31 5.86
C SER A 197 -12.16 -14.29 5.94
N LEU A 198 -11.07 -13.53 5.93
CA LEU A 198 -11.20 -12.10 5.79
C LEU A 198 -11.75 -11.77 4.40
N ALA A 199 -11.19 -12.35 3.35
CA ALA A 199 -11.67 -12.02 2.02
C ALA A 199 -13.15 -12.38 1.86
N LYS A 200 -13.52 -13.57 2.35
CA LYS A 200 -14.89 -14.07 2.20
C LYS A 200 -15.87 -13.18 2.95
N THR A 201 -15.61 -12.88 4.21
CA THR A 201 -16.49 -12.06 5.02
C THR A 201 -16.59 -10.68 4.38
N THR A 202 -15.47 -10.12 3.92
CA THR A 202 -15.50 -8.79 3.32
C THR A 202 -16.39 -8.81 2.09
N PHE A 203 -16.22 -9.82 1.23
CA PHE A 203 -16.96 -9.92 -0.03
C PHE A 203 -18.45 -9.98 0.32
N ASP A 204 -18.81 -10.85 1.27
CA ASP A 204 -20.22 -11.12 1.55
C ASP A 204 -20.92 -9.93 2.17
N GLU A 205 -20.23 -9.22 3.04
CA GLU A 205 -20.80 -8.05 3.68
C GLU A 205 -20.93 -6.91 2.67
N ALA A 206 -20.00 -6.79 1.71
CA ALA A 206 -20.12 -5.80 0.67
C ALA A 206 -21.29 -6.13 -0.24
N MET A 207 -21.41 -7.39 -0.69
CA MET A 207 -22.49 -7.79 -1.58
C MET A 207 -23.82 -7.35 -0.99
N ALA A 208 -24.01 -7.55 0.31
CA ALA A 208 -25.27 -7.26 0.96
C ALA A 208 -25.57 -5.77 1.08
N ASP A 209 -24.57 -4.91 0.81
CA ASP A 209 -24.76 -3.47 0.91
C ASP A 209 -24.78 -2.78 -0.46
N LEU A 210 -24.58 -3.54 -1.54
CA LEU A 210 -24.56 -2.96 -2.88
C LEU A 210 -25.87 -2.24 -3.22
N HIS A 211 -27.00 -2.72 -2.67
CA HIS A 211 -28.30 -2.16 -2.98
C HIS A 211 -28.44 -0.69 -2.63
N THR A 212 -27.54 -0.20 -1.77
CA THR A 212 -27.63 1.16 -1.28
C THR A 212 -26.92 2.16 -2.18
N LEU A 213 -26.19 1.63 -3.17
CA LEU A 213 -25.27 2.45 -3.94
C LEU A 213 -25.85 3.00 -5.23
N SER A 214 -25.33 4.16 -5.62
CA SER A 214 -25.47 4.60 -6.99
C SER A 214 -24.72 3.73 -7.98
N GLU A 215 -25.02 3.94 -9.28
CA GLU A 215 -24.36 3.19 -10.33
C GLU A 215 -22.83 3.38 -10.32
N ASP A 216 -22.39 4.63 -10.10
CA ASP A 216 -20.96 4.88 -10.05
C ASP A 216 -20.28 4.26 -8.83
N SER A 217 -20.92 4.35 -7.66
CA SER A 217 -20.38 3.72 -6.46
C SER A 217 -20.36 2.19 -6.58
N TYR A 218 -21.43 1.66 -7.15
CA TYR A 218 -21.51 0.25 -7.44
C TYR A 218 -20.34 -0.25 -8.28
N LYS A 219 -20.04 0.51 -9.33
CA LYS A 219 -18.92 0.13 -10.19
C LYS A 219 -17.62 0.08 -9.39
N ASP A 220 -17.36 1.12 -8.58
CA ASP A 220 -16.14 1.13 -7.78
C ASP A 220 -16.05 -0.05 -6.81
N SER A 221 -17.14 -0.30 -6.08
CA SER A 221 -17.14 -1.36 -5.08
C SER A 221 -16.99 -2.73 -5.72
N THR A 222 -17.74 -2.96 -6.80
CA THR A 222 -17.68 -4.25 -7.41
C THR A 222 -16.31 -4.55 -8.05
N LEU A 223 -15.63 -3.52 -8.56
CA LEU A 223 -14.28 -3.73 -9.07
C LEU A 223 -13.40 -4.39 -8.01
N ILE A 224 -13.45 -3.87 -6.78
CA ILE A 224 -12.56 -4.40 -5.75
C ILE A 224 -13.08 -5.73 -5.21
N MET A 225 -14.41 -5.89 -5.17
CA MET A 225 -14.95 -7.18 -4.80
C MET A 225 -14.44 -8.28 -5.72
N GLN A 226 -14.34 -7.98 -7.03
CA GLN A 226 -13.87 -8.96 -7.99
C GLN A 226 -12.43 -9.37 -7.70
N LEU A 227 -11.60 -8.44 -7.23
CA LEU A 227 -10.25 -8.79 -6.81
C LEU A 227 -10.23 -9.70 -5.60
N LEU A 228 -11.12 -9.45 -4.62
CA LEU A 228 -11.29 -10.39 -3.51
C LEU A 228 -11.63 -11.79 -4.02
N ARG A 229 -12.63 -11.85 -4.91
CA ARG A 229 -13.09 -13.11 -5.45
C ARG A 229 -11.96 -13.81 -6.22
N ASP A 230 -11.17 -13.04 -6.98
CA ASP A 230 -10.06 -13.61 -7.73
C ASP A 230 -9.06 -14.25 -6.79
N ASN A 231 -8.78 -13.61 -5.64
CA ASN A 231 -7.85 -14.19 -4.70
C ASN A 231 -8.44 -15.43 -4.05
N LEU A 232 -9.74 -15.38 -3.70
CA LEU A 232 -10.38 -16.55 -3.13
C LEU A 232 -10.32 -17.74 -4.07
N THR A 233 -10.47 -17.45 -5.37
CA THR A 233 -10.39 -18.51 -6.39
C THR A 233 -8.98 -19.12 -6.47
N LEU A 234 -7.97 -18.26 -6.38
CA LEU A 234 -6.58 -18.70 -6.39
C LEU A 234 -6.25 -19.52 -5.15
N TRP A 235 -6.84 -19.17 -3.99
CA TRP A 235 -6.42 -19.71 -2.71
C TRP A 235 -7.20 -20.96 -2.31
N THR A 236 -8.28 -21.25 -3.06
CA THR A 236 -9.15 -22.38 -2.74
C THR A 236 -9.36 -23.28 -3.97
N THR B 3 0.45 -13.64 -4.58
CA THR B 3 -0.94 -13.22 -4.68
C THR B 3 -1.12 -11.74 -4.98
N PRO B 4 -2.10 -11.35 -5.83
CA PRO B 4 -2.37 -9.92 -6.03
C PRO B 4 -3.01 -9.06 -4.92
N SEP B 5 -2.30 -7.97 -4.59
CA SEP B 5 -2.83 -6.90 -3.75
CB SEP B 5 -1.68 -6.30 -2.97
OG SEP B 5 -0.80 -5.76 -3.95
C SEP B 5 -3.54 -5.86 -4.60
O SEP B 5 -3.74 -6.07 -5.79
P SEP B 5 0.70 -5.34 -3.45
O1P SEP B 5 0.46 -4.24 -2.48
O2P SEP B 5 1.34 -4.85 -4.78
O3P SEP B 5 1.39 -6.52 -2.88
N LEU B 6 -3.98 -4.76 -3.99
CA LEU B 6 -4.74 -3.77 -4.72
C LEU B 6 -3.83 -3.20 -5.82
N PRO B 7 -4.24 -3.20 -7.11
CA PRO B 7 -3.41 -2.63 -8.16
C PRO B 7 -3.39 -1.11 -8.14
N THR B 8 -2.40 -0.55 -8.84
CA THR B 8 -2.40 0.86 -9.14
C THR B 8 -3.14 1.07 -10.45
N PRO B 9 -3.77 2.25 -10.65
CA PRO B 9 -4.58 2.50 -11.85
C PRO B 9 -3.83 2.14 -13.14
N1 A1IGH C . -10.18 4.06 -4.07
C4 A1IGH C . -9.44 2.27 -2.63
C5 A1IGH C . -9.12 3.36 -3.41
C6 A1IGH C . -10.99 3.68 -5.13
C7 A1IGH C . -10.74 2.48 -5.92
C8 A1IGH C . -11.84 1.88 -6.53
C10 A1IGH C . -10.40 0.23 -7.48
C13 A1IGH C . -9.29 0.83 -6.87
C1 A1IGH C . -6.18 1.45 -0.99
C11 A1IGH C . -9.05 -1.40 -8.61
C12 A1IGH C . -9.26 -2.57 -9.52
C2 A1IGH C . -7.20 2.11 -1.83
C3 A1IGH C . -8.49 1.64 -1.87
C9 A1IGH C . -11.68 0.73 -7.27
N2 A1IGH C . -11.97 4.52 -5.37
O2 A1IGH C . -10.34 -0.90 -8.25
O3 A1IGH C . -10.04 -2.23 -10.65
C14 A1IGH C . -9.46 1.94 -6.07
C15 A1IGH C . -11.81 5.54 -4.43
C16 A1IGH C . -12.56 6.69 -4.21
C17 A1IGH C . -12.19 7.51 -3.16
C18 A1IGH C . -11.10 7.22 -2.36
C19 A1IGH C . -10.34 6.08 -2.55
C20 A1IGH C . -10.72 5.25 -3.61
C21 A1IGH C . -7.83 3.86 -3.40
C22 A1IGH C . -6.89 3.16 -2.66
BR1 A1IGH C . -5.09 3.79 -2.66
#